data_4N79
#
_entry.id   4N79
#
_cell.length_a   31.830
_cell.length_b   67.290
_cell.length_c   90.800
_cell.angle_alpha   90.00
_cell.angle_beta   90.00
_cell.angle_gamma   90.00
#
_symmetry.space_group_name_H-M   'P 21 21 21'
#
loop_
_entity.id
_entity.type
_entity.pdbx_description
1 polymer 'Cathepsin K'
2 branched 'alpha-L-idopyranuronic acid-(1-3)-2-acetamido-2-deoxy-4-O-sulfo-beta-D-galactopyranose-(1-4)-alpha-L-idopyranuronic acid-(1-3)-2-acetamido-2-deoxy-4-O-sulfo-beta-D-galactopyranose-(1-4)-alpha-L-idopyranuronic acid-(1-3)-2-acetamido-2-deoxy-4-O-sulfo-beta-D-galactopyranose'
3 water water
#
_entity_poly.entity_id   1
_entity_poly.type   'polypeptide(L)'
_entity_poly.pdbx_seq_one_letter_code
;APDSVDYRKKGYVTPVKNQGQCGSCWAFSSVGALEGQLKKKTGKLLNLSPQNLVDCVSENDGCGGGYMTNAFQYVQKNRG
IDSEDAYPYVGQEESCMYNPTGKAAKCRGYREIPEGNEKALKRAVARVGPVSVAIDASLTSFQFYSKGVYYDESCNSDNL
NHAVLAVGYGIQKGNKHWIIKNSWGENWGNKGYILMARNKNNACGIANLASFPKM
;
_entity_poly.pdbx_strand_id   A
#
# COMPACT_ATOMS: atom_id res chain seq x y z
N ALA A 1 -3.85 -7.98 -19.92
CA ALA A 1 -3.79 -6.63 -19.26
C ALA A 1 -4.93 -5.76 -19.76
N PRO A 2 -6.10 -5.76 -19.07
CA PRO A 2 -7.15 -4.88 -19.54
C PRO A 2 -6.69 -3.43 -19.60
N ASP A 3 -7.49 -2.60 -20.24
CA ASP A 3 -7.16 -1.18 -20.38
C ASP A 3 -7.49 -0.40 -19.10
N SER A 4 -8.24 -1.02 -18.20
CA SER A 4 -8.61 -0.38 -16.94
C SER A 4 -8.88 -1.42 -15.87
N VAL A 5 -8.30 -1.22 -14.68
CA VAL A 5 -8.47 -2.13 -13.56
C VAL A 5 -8.68 -1.33 -12.27
N ASP A 6 -9.72 -1.69 -11.52
CA ASP A 6 -10.04 -1.04 -10.25
C ASP A 6 -10.54 -2.09 -9.27
N TYR A 7 -9.69 -2.46 -8.32
CA TYR A 7 -10.00 -3.54 -7.38
C TYR A 7 -10.94 -3.15 -6.25
N ARG A 8 -11.25 -1.86 -6.14
CA ARG A 8 -12.27 -1.39 -5.22
C ARG A 8 -13.65 -1.87 -5.63
N LYS A 9 -13.89 -1.94 -6.94
CA LYS A 9 -15.19 -2.40 -7.46
C LYS A 9 -15.22 -3.90 -7.73
N LYS A 10 -14.10 -4.57 -7.47
CA LYS A 10 -14.05 -6.03 -7.42
C LYS A 10 -14.13 -6.55 -5.97
N GLY A 11 -14.16 -5.61 -5.02
CA GLY A 11 -14.41 -5.94 -3.60
C GLY A 11 -13.16 -6.23 -2.78
N TYR A 12 -11.99 -5.86 -3.30
CA TYR A 12 -10.70 -6.25 -2.69
C TYR A 12 -10.20 -5.26 -1.65
N VAL A 13 -10.85 -4.11 -1.53
CA VAL A 13 -10.27 -2.95 -0.85
C VAL A 13 -11.12 -2.48 0.33
N THR A 14 -10.48 -2.33 1.47
CA THR A 14 -11.11 -1.85 2.70
C THR A 14 -11.09 -0.32 2.75
N PRO A 15 -11.85 0.29 3.70
CA PRO A 15 -11.86 1.76 3.79
C PRO A 15 -10.51 2.39 4.09
N VAL A 16 -10.43 3.70 3.87
CA VAL A 16 -9.22 4.46 4.10
C VAL A 16 -8.98 4.62 5.60
N LYS A 17 -7.74 4.36 6.02
CA LYS A 17 -7.35 4.46 7.43
C LYS A 17 -6.52 5.73 7.65
N ASN A 18 -6.25 6.02 8.92
CA ASN A 18 -5.40 7.15 9.30
C ASN A 18 -4.20 6.67 10.11
N GLN A 19 -3.01 6.88 9.58
CA GLN A 19 -1.76 6.52 10.28
C GLN A 19 -1.46 7.48 11.44
N GLY A 20 -2.01 8.69 11.37
CA GLY A 20 -1.77 9.70 12.38
C GLY A 20 -0.41 10.34 12.22
N GLN A 21 0.32 10.46 13.32
CA GLN A 21 1.64 11.08 13.34
C GLN A 21 2.77 10.05 13.28
N CYS A 22 2.41 8.77 13.16
CA CYS A 22 3.37 7.69 13.15
C CYS A 22 3.78 7.33 11.72
N GLY A 23 5.09 7.18 11.50
CA GLY A 23 5.63 6.85 10.19
C GLY A 23 5.44 5.38 9.85
N SER A 24 4.19 4.99 9.70
CA SER A 24 3.80 3.60 9.46
C SER A 24 3.08 3.41 8.14
N CYS A 25 3.29 4.34 7.20
CA CYS A 25 2.70 4.24 5.86
C CYS A 25 3.01 2.87 5.22
N TRP A 26 4.24 2.40 5.43
CA TRP A 26 4.66 1.05 5.00
C TRP A 26 3.79 -0.07 5.58
N ALA A 27 3.35 0.08 6.82
CA ALA A 27 2.53 -0.93 7.50
C ALA A 27 1.12 -1.02 6.91
N PHE A 28 0.54 0.15 6.59
CA PHE A 28 -0.79 0.21 5.96
C PHE A 28 -0.75 -0.27 4.52
N SER A 29 0.30 0.12 3.80
CA SER A 29 0.54 -0.35 2.44
C SER A 29 0.58 -1.88 2.39
N SER A 30 1.38 -2.47 3.28
CA SER A 30 1.54 -3.93 3.36
C SER A 30 0.24 -4.63 3.74
N VAL A 31 -0.37 -4.14 4.83
CA VAL A 31 -1.69 -4.60 5.27
C VAL A 31 -2.68 -4.61 4.10
N GLY A 32 -2.72 -3.50 3.36
CA GLY A 32 -3.64 -3.34 2.22
C GLY A 32 -3.46 -4.38 1.13
N ALA A 33 -2.20 -4.68 0.80
CA ALA A 33 -1.87 -5.70 -0.18
C ALA A 33 -2.28 -7.10 0.30
N LEU A 34 -2.07 -7.36 1.58
CA LEU A 34 -2.49 -8.63 2.21
C LEU A 34 -4.02 -8.76 2.25
N GLU A 35 -4.70 -7.66 2.57
CA GLU A 35 -6.16 -7.60 2.55
C GLU A 35 -6.70 -7.96 1.17
N GLY A 36 -6.13 -7.33 0.14
CA GLY A 36 -6.50 -7.60 -1.24
C GLY A 36 -6.28 -9.05 -1.64
N GLN A 37 -5.19 -9.63 -1.14
CA GLN A 37 -4.84 -11.02 -1.44
C GLN A 37 -5.69 -12.00 -0.62
N LEU A 38 -6.01 -11.63 0.61
CA LEU A 38 -6.92 -12.43 1.44
C LEU A 38 -8.30 -12.57 0.78
N LYS A 39 -8.80 -11.46 0.24
CA LYS A 39 -10.09 -11.44 -0.46
C LYS A 39 -10.07 -12.32 -1.70
N LYS A 40 -8.97 -12.27 -2.43
CA LYS A 40 -8.81 -13.05 -3.66
C LYS A 40 -8.82 -14.56 -3.40
N LYS A 41 -8.16 -14.97 -2.32
CA LYS A 41 -7.98 -16.41 -2.04
C LYS A 41 -9.14 -17.03 -1.27
N THR A 42 -9.76 -16.25 -0.39
CA THR A 42 -10.79 -16.76 0.53
C THR A 42 -12.20 -16.21 0.30
N GLY A 43 -12.31 -15.05 -0.33
CA GLY A 43 -13.59 -14.39 -0.56
C GLY A 43 -14.07 -13.50 0.58
N LYS A 44 -13.23 -13.35 1.61
CA LYS A 44 -13.54 -12.51 2.77
C LYS A 44 -12.72 -11.23 2.76
N LEU A 45 -13.40 -10.09 2.89
CA LEU A 45 -12.71 -8.81 3.10
C LEU A 45 -12.64 -8.53 4.59
N LEU A 46 -11.47 -8.15 5.06
CA LEU A 46 -11.19 -8.03 6.49
C LEU A 46 -10.07 -7.04 6.73
N ASN A 47 -10.26 -6.12 7.67
CA ASN A 47 -9.20 -5.18 8.06
C ASN A 47 -8.08 -5.91 8.81
N LEU A 48 -6.87 -5.86 8.26
CA LEU A 48 -5.70 -6.40 8.95
C LEU A 48 -5.03 -5.33 9.81
N SER A 49 -4.11 -5.74 10.66
CA SER A 49 -3.54 -4.87 11.70
C SER A 49 -2.16 -4.31 11.34
N PRO A 50 -2.08 -3.00 11.03
CA PRO A 50 -0.76 -2.37 10.87
C PRO A 50 0.03 -2.27 12.18
N GLN A 51 -0.65 -2.23 13.32
CA GLN A 51 0.00 -2.14 14.62
C GLN A 51 0.84 -3.38 14.92
N ASN A 52 0.33 -4.54 14.52
CA ASN A 52 1.08 -5.79 14.62
C ASN A 52 2.45 -5.65 13.95
N LEU A 53 2.46 -5.12 12.73
CA LEU A 53 3.69 -4.95 11.98
C LEU A 53 4.61 -3.92 12.64
N VAL A 54 4.05 -2.76 12.96
CA VAL A 54 4.79 -1.68 13.62
C VAL A 54 5.52 -2.17 14.86
N ASP A 55 4.81 -2.90 15.72
CA ASP A 55 5.36 -3.38 16.98
C ASP A 55 6.29 -4.58 16.82
N CYS A 56 5.94 -5.49 15.92
CA CYS A 56 6.58 -6.81 15.84
C CYS A 56 7.62 -7.01 14.74
N VAL A 57 7.66 -6.13 13.74
CA VAL A 57 8.65 -6.25 12.65
C VAL A 57 9.95 -5.54 13.03
N SER A 58 10.92 -6.30 13.53
CA SER A 58 12.22 -5.76 13.90
C SER A 58 13.05 -5.37 12.67
N GLU A 59 12.80 -6.05 11.56
CA GLU A 59 13.49 -5.76 10.31
C GLU A 59 13.27 -4.31 9.84
N ASN A 60 12.34 -3.62 10.50
CA ASN A 60 12.04 -2.22 10.20
C ASN A 60 12.25 -1.33 11.44
N ASP A 61 11.81 -0.08 11.38
CA ASP A 61 12.06 0.88 12.46
C ASP A 61 10.76 1.50 13.04
N GLY A 62 9.69 0.70 13.10
CA GLY A 62 8.43 1.12 13.74
C GLY A 62 7.79 2.36 13.14
N CYS A 63 7.67 3.41 13.96
CA CYS A 63 7.12 4.69 13.51
C CYS A 63 8.17 5.59 12.86
N GLY A 64 9.41 5.09 12.77
CA GLY A 64 10.51 5.82 12.14
C GLY A 64 10.65 5.55 10.65
N GLY A 65 10.00 4.49 10.18
CA GLY A 65 10.09 4.07 8.77
C GLY A 65 10.17 2.57 8.65
N GLY A 66 10.12 2.08 7.41
CA GLY A 66 10.19 0.65 7.14
C GLY A 66 9.77 0.31 5.73
N TYR A 67 10.16 -0.88 5.29
CA TYR A 67 9.82 -1.37 3.95
C TYR A 67 8.73 -2.42 3.99
N MET A 68 8.05 -2.61 2.86
CA MET A 68 6.96 -3.59 2.75
C MET A 68 7.51 -5.00 2.62
N THR A 69 8.69 -5.13 2.03
CA THR A 69 9.34 -6.43 1.85
C THR A 69 9.56 -7.13 3.19
N ASN A 70 10.04 -6.37 4.17
CA ASN A 70 10.28 -6.91 5.51
C ASN A 70 8.99 -7.32 6.21
N ALA A 71 7.92 -6.57 5.98
CA ALA A 71 6.62 -6.86 6.59
C ALA A 71 6.08 -8.21 6.10
N PHE A 72 6.07 -8.40 4.79
CA PHE A 72 5.60 -9.66 4.19
C PHE A 72 6.41 -10.85 4.69
N GLN A 73 7.73 -10.66 4.82
CA GLN A 73 8.63 -11.71 5.28
C GLN A 73 8.38 -12.06 6.75
N TYR A 74 8.08 -11.04 7.55
CA TYR A 74 7.75 -11.24 8.97
C TYR A 74 6.45 -12.04 9.11
N VAL A 75 5.41 -11.66 8.38
CA VAL A 75 4.13 -12.34 8.43
C VAL A 75 4.30 -13.81 8.05
N GLN A 76 5.07 -14.04 6.99
CA GLN A 76 5.44 -15.39 6.56
C GLN A 76 6.07 -16.18 7.70
N LYS A 77 7.16 -15.63 8.25
CA LYS A 77 7.94 -16.31 9.28
C LYS A 77 7.28 -16.32 10.65
N ASN A 78 6.26 -15.49 10.82
CA ASN A 78 5.44 -15.47 12.03
C ASN A 78 4.23 -16.42 11.90
N ARG A 79 4.02 -16.94 10.70
CA ARG A 79 2.85 -17.76 10.36
C ARG A 79 1.53 -17.06 10.68
N GLY A 80 1.47 -15.76 10.44
CA GLY A 80 0.23 -15.02 10.62
C GLY A 80 0.36 -13.53 10.86
N ILE A 81 -0.73 -12.83 10.60
CA ILE A 81 -0.93 -11.44 11.00
C ILE A 81 -2.35 -11.33 11.57
N ASP A 82 -2.49 -10.54 12.63
CA ASP A 82 -3.79 -10.31 13.27
C ASP A 82 -4.71 -9.44 12.44
N SER A 83 -6.01 -9.60 12.68
CA SER A 83 -7.02 -8.66 12.18
C SER A 83 -6.91 -7.35 12.95
N GLU A 84 -7.49 -6.30 12.39
CA GLU A 84 -7.48 -4.98 13.03
C GLU A 84 -8.06 -5.04 14.44
N ASP A 85 -9.18 -5.72 14.60
CA ASP A 85 -9.88 -5.80 15.89
C ASP A 85 -9.05 -6.50 16.97
N ALA A 86 -8.34 -7.56 16.58
CA ALA A 86 -7.50 -8.32 17.51
C ALA A 86 -6.24 -7.57 17.97
N TYR A 87 -5.84 -6.55 17.22
CA TYR A 87 -4.61 -5.79 17.51
C TYR A 87 -4.78 -4.35 17.00
N PRO A 88 -5.61 -3.55 17.68
CA PRO A 88 -6.01 -2.22 17.19
C PRO A 88 -4.85 -1.24 16.95
N TYR A 89 -5.05 -0.33 15.99
CA TYR A 89 -4.05 0.69 15.69
C TYR A 89 -4.07 1.82 16.72
N VAL A 90 -2.89 2.17 17.20
CA VAL A 90 -2.70 3.14 18.27
C VAL A 90 -1.91 4.38 17.80
N GLY A 91 -1.05 4.20 16.79
CA GLY A 91 -0.25 5.31 16.26
C GLY A 91 1.01 5.57 17.06
N GLN A 92 1.46 4.56 17.79
CA GLN A 92 2.67 4.65 18.61
C GLN A 92 3.38 3.31 18.65
N GLU A 93 4.68 3.34 18.91
CA GLU A 93 5.47 2.13 19.05
C GLU A 93 5.20 1.48 20.40
N GLU A 94 5.03 0.15 20.40
CA GLU A 94 4.84 -0.63 21.64
C GLU A 94 5.69 -1.91 21.58
N SER A 95 5.50 -2.74 22.60
CA SER A 95 6.00 -4.11 22.57
C SER A 95 5.16 -4.94 21.60
N CYS A 96 5.78 -5.97 21.03
CA CYS A 96 5.09 -6.90 20.14
C CYS A 96 4.05 -7.69 20.93
N MET A 97 2.78 -7.44 20.64
CA MET A 97 1.67 -8.10 21.33
C MET A 97 0.90 -9.03 20.38
N TYR A 98 1.64 -9.73 19.51
CA TYR A 98 1.01 -10.61 18.53
C TYR A 98 0.30 -11.75 19.24
N ASN A 99 -0.95 -11.99 18.85
CA ASN A 99 -1.77 -13.04 19.43
C ASN A 99 -2.22 -14.01 18.34
N PRO A 100 -1.63 -15.22 18.29
CA PRO A 100 -2.02 -16.22 17.29
C PRO A 100 -3.54 -16.47 17.26
N THR A 101 -4.19 -16.22 18.40
CA THR A 101 -5.64 -16.24 18.53
C THR A 101 -6.37 -15.34 17.52
N GLY A 102 -5.86 -14.13 17.34
CA GLY A 102 -6.48 -13.14 16.44
C GLY A 102 -5.99 -13.18 15.01
N LYS A 103 -5.28 -14.25 14.65
CA LYS A 103 -4.75 -14.42 13.30
C LYS A 103 -5.85 -14.36 12.25
N ALA A 104 -5.65 -13.55 11.23
CA ALA A 104 -6.63 -13.37 10.14
C ALA A 104 -6.09 -13.58 8.73
N ALA A 105 -4.77 -13.64 8.58
CA ALA A 105 -4.16 -13.83 7.26
C ALA A 105 -2.76 -14.42 7.37
N LYS A 106 -2.33 -15.06 6.28
CA LYS A 106 -1.01 -15.68 6.19
C LYS A 106 -0.33 -15.31 4.88
N CYS A 107 0.94 -15.67 4.72
CA CYS A 107 1.74 -15.21 3.60
C CYS A 107 2.91 -16.16 3.29
N ARG A 108 3.04 -16.58 2.04
CA ARG A 108 4.13 -17.46 1.61
C ARG A 108 5.36 -16.70 1.08
N GLY A 109 5.44 -15.40 1.36
CA GLY A 109 6.56 -14.56 0.93
C GLY A 109 6.13 -13.37 0.10
N TYR A 110 7.02 -12.86 -0.75
CA TYR A 110 6.72 -11.71 -1.60
C TYR A 110 7.44 -11.74 -2.94
N ARG A 111 6.87 -11.03 -3.91
CA ARG A 111 7.52 -10.78 -5.20
C ARG A 111 7.75 -9.28 -5.38
N GLU A 112 8.91 -8.95 -5.95
CA GLU A 112 9.24 -7.55 -6.25
C GLU A 112 9.07 -7.27 -7.73
N ILE A 113 8.54 -6.09 -8.03
CA ILE A 113 8.43 -5.61 -9.41
C ILE A 113 9.81 -5.06 -9.83
N PRO A 114 10.24 -5.34 -11.08
CA PRO A 114 11.53 -4.81 -11.53
C PRO A 114 11.60 -3.29 -11.45
N GLU A 115 12.76 -2.78 -11.03
CA GLU A 115 12.93 -1.35 -10.72
C GLU A 115 12.69 -0.43 -11.92
N GLY A 116 11.77 0.50 -11.76
CA GLY A 116 11.50 1.55 -12.75
C GLY A 116 10.55 1.15 -13.87
N ASN A 117 9.97 -0.03 -13.76
CA ASN A 117 9.17 -0.61 -14.84
C ASN A 117 7.66 -0.49 -14.58
N GLU A 118 7.05 0.55 -15.15
CA GLU A 118 5.63 0.81 -14.96
C GLU A 118 4.75 -0.18 -15.73
N LYS A 119 5.24 -0.65 -16.88
CA LYS A 119 4.56 -1.69 -17.65
C LYS A 119 4.52 -3.01 -16.88
N ALA A 120 5.63 -3.32 -16.20
CA ALA A 120 5.71 -4.52 -15.34
C ALA A 120 4.78 -4.39 -14.14
N LEU A 121 4.74 -3.20 -13.57
CA LEU A 121 3.83 -2.88 -12.48
C LEU A 121 2.37 -2.98 -12.95
N LYS A 122 2.11 -2.51 -14.16
CA LYS A 122 0.76 -2.57 -14.75
C LYS A 122 0.27 -4.01 -14.84
N ARG A 123 1.14 -4.89 -15.33
CA ARG A 123 0.81 -6.32 -15.45
C ARG A 123 0.63 -6.96 -14.08
N ALA A 124 1.50 -6.58 -13.14
CA ALA A 124 1.43 -7.10 -11.77
C ALA A 124 0.11 -6.73 -11.11
N VAL A 125 -0.31 -5.48 -11.29
CA VAL A 125 -1.56 -5.00 -10.72
C VAL A 125 -2.76 -5.72 -11.36
N ALA A 126 -2.70 -5.91 -12.68
CA ALA A 126 -3.78 -6.55 -13.42
C ALA A 126 -3.94 -8.02 -13.04
N ARG A 127 -2.80 -8.68 -12.85
CA ARG A 127 -2.77 -10.10 -12.53
C ARG A 127 -2.95 -10.44 -11.06
N VAL A 128 -2.24 -9.73 -10.19
CA VAL A 128 -2.26 -10.06 -8.76
C VAL A 128 -3.38 -9.38 -8.01
N GLY A 129 -3.50 -8.07 -8.17
CA GLY A 129 -4.41 -7.28 -7.38
C GLY A 129 -3.65 -6.10 -6.85
N PRO A 130 -4.11 -5.53 -5.73
CA PRO A 130 -3.43 -4.42 -5.10
C PRO A 130 -1.95 -4.69 -4.80
N VAL A 131 -1.11 -3.72 -5.18
CA VAL A 131 0.34 -3.82 -5.04
C VAL A 131 0.85 -2.68 -4.16
N SER A 132 1.72 -3.03 -3.21
CA SER A 132 2.37 -2.04 -2.35
C SER A 132 3.44 -1.29 -3.14
N VAL A 133 3.37 0.04 -3.14
CA VAL A 133 4.36 0.89 -3.82
C VAL A 133 4.82 2.03 -2.93
N ALA A 134 6.00 2.56 -3.23
CA ALA A 134 6.52 3.75 -2.55
C ALA A 134 6.71 4.90 -3.54
N ILE A 135 6.61 6.13 -3.02
CA ILE A 135 6.63 7.32 -3.86
C ILE A 135 7.25 8.51 -3.12
N ASP A 136 7.57 9.55 -3.88
CA ASP A 136 7.90 10.85 -3.32
C ASP A 136 6.60 11.60 -3.08
N ALA A 137 6.25 11.79 -1.81
CA ALA A 137 5.05 12.53 -1.41
C ALA A 137 5.40 13.74 -0.54
N SER A 138 6.60 14.28 -0.73
CA SER A 138 7.11 15.39 0.07
C SER A 138 6.71 16.77 -0.45
N LEU A 139 6.07 16.82 -1.62
CA LEU A 139 5.75 18.10 -2.25
C LEU A 139 4.46 18.73 -1.73
N THR A 140 4.40 20.05 -1.81
CA THR A 140 3.25 20.85 -1.40
C THR A 140 1.98 20.46 -2.18
N SER A 141 2.15 20.23 -3.47
CA SER A 141 1.04 19.86 -4.35
C SER A 141 0.41 18.51 -3.95
N PHE A 142 1.21 17.61 -3.40
CA PHE A 142 0.70 16.32 -2.94
C PHE A 142 -0.15 16.48 -1.69
N GLN A 143 0.39 17.22 -0.71
CA GLN A 143 -0.32 17.55 0.53
C GLN A 143 -1.73 18.09 0.24
N PHE A 144 -1.81 19.08 -0.65
CA PHE A 144 -3.07 19.75 -0.98
C PHE A 144 -3.71 19.28 -2.29
N TYR A 145 -3.42 18.04 -2.70
CA TYR A 145 -4.13 17.42 -3.84
C TYR A 145 -5.61 17.28 -3.50
N SER A 146 -6.46 17.34 -4.52
CA SER A 146 -7.90 17.10 -4.34
C SER A 146 -8.52 16.32 -5.50
N LYS A 147 -8.28 16.76 -6.73
CA LYS A 147 -8.82 16.11 -7.92
C LYS A 147 -7.79 16.07 -9.04
N GLY A 148 -8.03 15.22 -10.03
CA GLY A 148 -7.20 15.15 -11.24
C GLY A 148 -6.12 14.10 -11.18
N VAL A 149 -5.46 13.88 -12.32
CA VAL A 149 -4.29 13.01 -12.38
C VAL A 149 -3.09 13.81 -11.87
N TYR A 150 -2.62 13.47 -10.67
CA TYR A 150 -1.54 14.21 -10.03
C TYR A 150 -0.23 14.08 -10.80
N TYR A 151 0.31 15.23 -11.17
CA TYR A 151 1.62 15.33 -11.80
C TYR A 151 2.30 16.61 -11.31
N ASP A 152 3.57 16.50 -10.96
CA ASP A 152 4.35 17.64 -10.53
C ASP A 152 5.78 17.47 -11.03
N GLU A 153 6.32 18.55 -11.59
CA GLU A 153 7.60 18.53 -12.28
C GLU A 153 8.76 18.33 -11.29
N SER A 154 8.57 18.80 -10.06
CA SER A 154 9.59 18.74 -9.02
C SER A 154 9.65 17.40 -8.28
N CYS A 155 8.80 16.44 -8.65
CA CYS A 155 8.74 15.17 -7.96
C CYS A 155 9.98 14.34 -8.24
N ASN A 156 10.69 13.96 -7.19
CA ASN A 156 11.91 13.18 -7.31
C ASN A 156 11.63 11.68 -7.21
N SER A 157 11.93 10.96 -8.29
CA SER A 157 11.74 9.50 -8.32
C SER A 157 12.80 8.77 -7.50
N ASP A 158 13.71 9.52 -6.89
CA ASP A 158 14.76 8.96 -6.04
C ASP A 158 14.47 9.14 -4.55
N ASN A 159 13.64 10.13 -4.22
CA ASN A 159 13.28 10.40 -2.83
C ASN A 159 12.00 9.68 -2.42
N LEU A 160 12.11 8.37 -2.23
CA LEU A 160 10.98 7.54 -1.82
C LEU A 160 10.76 7.69 -0.31
N ASN A 161 9.78 8.51 0.06
CA ASN A 161 9.54 8.90 1.46
C ASN A 161 8.18 8.50 2.02
N HIS A 162 7.34 7.88 1.18
CA HIS A 162 5.98 7.56 1.58
C HIS A 162 5.53 6.30 0.84
N ALA A 163 4.88 5.40 1.57
CA ALA A 163 4.43 4.12 1.02
C ALA A 163 2.91 4.09 0.93
N VAL A 164 2.40 3.66 -0.21
CA VAL A 164 0.97 3.68 -0.49
C VAL A 164 0.55 2.39 -1.19
N LEU A 165 -0.74 2.28 -1.52
CA LEU A 165 -1.28 1.09 -2.17
C LEU A 165 -1.86 1.41 -3.54
N ALA A 166 -1.38 0.70 -4.56
CA ALA A 166 -1.91 0.82 -5.92
C ALA A 166 -3.05 -0.18 -6.12
N VAL A 167 -4.28 0.33 -6.14
CA VAL A 167 -5.48 -0.52 -6.24
C VAL A 167 -5.98 -0.68 -7.68
N GLY A 168 -5.32 0.00 -8.61
CA GLY A 168 -5.70 -0.09 -10.02
C GLY A 168 -5.01 0.93 -10.90
N TYR A 169 -5.57 1.15 -12.08
CA TYR A 169 -5.04 2.11 -13.04
C TYR A 169 -6.09 2.40 -14.11
N GLY A 170 -5.89 3.47 -14.87
CA GLY A 170 -6.82 3.83 -15.94
C GLY A 170 -6.44 5.10 -16.67
N ILE A 171 -7.44 5.71 -17.31
CA ILE A 171 -7.27 6.97 -18.04
C ILE A 171 -8.40 7.94 -17.67
N GLN A 172 -8.05 9.18 -17.35
CA GLN A 172 -9.03 10.25 -17.12
C GLN A 172 -8.82 11.37 -18.14
N LYS A 173 -9.72 11.47 -19.11
CA LYS A 173 -9.65 12.50 -20.16
C LYS A 173 -8.33 12.45 -20.93
N GLY A 174 -7.93 11.24 -21.31
CA GLY A 174 -6.65 11.02 -21.99
C GLY A 174 -5.45 10.87 -21.07
N ASN A 175 -5.59 11.28 -19.81
CA ASN A 175 -4.49 11.27 -18.85
C ASN A 175 -4.38 9.93 -18.11
N LYS A 176 -3.37 9.13 -18.48
CA LYS A 176 -3.14 7.82 -17.87
C LYS A 176 -2.69 7.99 -16.41
N HIS A 177 -3.16 7.10 -15.54
CA HIS A 177 -2.91 7.24 -14.10
C HIS A 177 -2.90 5.92 -13.32
N TRP A 178 -2.48 6.04 -12.05
CA TRP A 178 -2.59 4.96 -11.06
C TRP A 178 -3.62 5.36 -10.01
N ILE A 179 -4.50 4.43 -9.66
CA ILE A 179 -5.45 4.64 -8.57
C ILE A 179 -4.76 4.26 -7.26
N ILE A 180 -4.51 5.25 -6.42
CA ILE A 180 -3.66 5.09 -5.24
C ILE A 180 -4.44 5.34 -3.94
N LYS A 181 -4.49 4.31 -3.10
CA LYS A 181 -5.07 4.42 -1.76
C LYS A 181 -4.00 4.92 -0.80
N ASN A 182 -4.29 6.04 -0.12
CA ASN A 182 -3.40 6.57 0.91
C ASN A 182 -3.93 6.24 2.31
N SER A 183 -3.16 6.60 3.33
CA SER A 183 -3.50 6.32 4.72
C SER A 183 -3.42 7.59 5.58
N TRP A 184 -3.79 8.73 5.00
CA TRP A 184 -3.87 10.00 5.72
C TRP A 184 -5.32 10.39 6.05
N GLY A 185 -6.21 9.39 6.08
CA GLY A 185 -7.61 9.61 6.40
C GLY A 185 -8.46 9.96 5.20
N GLU A 186 -9.78 9.97 5.40
CA GLU A 186 -10.75 10.26 4.34
C GLU A 186 -10.76 11.73 3.91
N ASN A 187 -10.34 12.63 4.79
CA ASN A 187 -10.39 14.07 4.50
C ASN A 187 -9.19 14.60 3.72
N TRP A 188 -8.21 13.74 3.45
CA TRP A 188 -7.13 14.08 2.54
C TRP A 188 -7.49 13.67 1.11
N GLY A 189 -7.03 14.45 0.14
CA GLY A 189 -7.19 14.12 -1.28
C GLY A 189 -8.64 13.96 -1.72
N ASN A 190 -8.88 12.98 -2.59
CA ASN A 190 -10.23 12.62 -3.01
C ASN A 190 -10.72 11.44 -2.19
N LYS A 191 -11.29 11.72 -1.03
CA LYS A 191 -11.77 10.68 -0.10
C LYS A 191 -10.63 9.76 0.39
N GLY A 192 -9.45 10.34 0.58
CA GLY A 192 -8.26 9.58 0.99
C GLY A 192 -7.49 8.97 -0.18
N TYR A 193 -8.02 9.11 -1.39
CA TYR A 193 -7.41 8.57 -2.60
C TYR A 193 -6.76 9.65 -3.43
N ILE A 194 -5.88 9.22 -4.34
CA ILE A 194 -5.22 10.12 -5.28
C ILE A 194 -4.92 9.38 -6.58
N LEU A 195 -5.14 10.07 -7.71
CA LEU A 195 -4.78 9.54 -9.01
C LEU A 195 -3.43 10.13 -9.40
N MET A 196 -2.47 9.26 -9.71
CA MET A 196 -1.09 9.69 -10.01
C MET A 196 -0.70 9.28 -11.43
N ALA A 197 -0.03 10.21 -12.12
CA ALA A 197 0.33 10.03 -13.54
C ALA A 197 1.05 8.71 -13.79
N ARG A 198 0.67 8.04 -14.88
CA ARG A 198 1.20 6.73 -15.26
C ARG A 198 1.83 6.81 -16.65
N ASN A 199 2.84 5.98 -16.88
CA ASN A 199 3.65 6.01 -18.11
C ASN A 199 4.18 7.41 -18.43
N LYS A 200 4.52 8.17 -17.39
CA LYS A 200 5.06 9.51 -17.53
C LYS A 200 6.44 9.58 -16.87
N ASN A 201 7.31 8.67 -17.33
CA ASN A 201 8.72 8.62 -16.91
C ASN A 201 8.90 8.34 -15.42
N ASN A 202 8.22 7.29 -14.95
CA ASN A 202 8.32 6.85 -13.56
C ASN A 202 8.10 8.01 -12.57
N ALA A 203 6.99 8.72 -12.76
CA ALA A 203 6.69 9.91 -11.96
C ALA A 203 6.59 9.58 -10.47
N CYS A 204 7.32 10.35 -9.67
CA CYS A 204 7.38 10.18 -8.20
C CYS A 204 7.97 8.84 -7.73
N GLY A 205 8.64 8.13 -8.62
CA GLY A 205 9.23 6.82 -8.30
C GLY A 205 8.20 5.75 -7.99
N ILE A 206 7.05 5.84 -8.67
CA ILE A 206 5.92 4.91 -8.46
C ILE A 206 6.29 3.43 -8.60
N ALA A 207 7.20 3.13 -9.53
CA ALA A 207 7.53 1.75 -9.90
C ALA A 207 8.93 1.32 -9.47
N ASN A 208 9.56 2.09 -8.59
CA ASN A 208 10.93 1.80 -8.12
C ASN A 208 10.98 0.81 -6.96
N LEU A 209 9.98 0.85 -6.10
CA LEU A 209 9.95 -0.02 -4.92
C LEU A 209 8.56 -0.61 -4.75
N ALA A 210 8.13 -1.36 -5.76
CA ALA A 210 6.82 -2.00 -5.76
C ALA A 210 6.96 -3.48 -5.39
N SER A 211 5.99 -3.99 -4.66
CA SER A 211 5.99 -5.38 -4.25
C SER A 211 4.60 -5.87 -3.84
N PHE A 212 4.41 -7.17 -3.86
CA PHE A 212 3.16 -7.78 -3.40
C PHE A 212 3.40 -9.10 -2.68
N PRO A 213 2.52 -9.45 -1.74
CA PRO A 213 2.66 -10.69 -0.97
C PRO A 213 2.17 -11.92 -1.74
N LYS A 214 2.71 -13.08 -1.38
CA LYS A 214 2.31 -14.35 -1.98
C LYS A 214 1.36 -15.07 -1.02
N MET A 215 0.23 -15.52 -1.54
CA MET A 215 -0.77 -16.23 -0.75
C MET A 215 -1.26 -17.49 -1.47
#